data_7E7U
#
_entry.id   7E7U
#
_cell.length_a   47.802
_cell.length_b   79.470
_cell.length_c   152.466
_cell.angle_alpha   90.000
_cell.angle_beta   90.000
_cell.angle_gamma   90.000
#
_symmetry.space_group_name_H-M   'P 21 21 21'
#
loop_
_entity.id
_entity.type
_entity.pdbx_description
1 polymer 'Fucose-binding lectin protein,Fucose-binding lectin protein,Fucose-binding lectin protein'
2 non-polymer GLYCEROL
3 non-polymer '2-[2-[4-[[(2R,3S,4R,5S,6S)-6-methyl-3,4,5-tris(oxidanyl)oxan-2-yl]oxymethyl]-1,2,3-triazol-1-yl]ethoxy]ethyl 2-[3,6-bis(diethylamino)-9H-xanthen-9-yl]benzoate'
4 water water
#
_entity_poly.entity_id   1
_entity_poly.type   'polypeptide(L)'
_entity_poly.pdbx_seq_one_letter_code
;MSSVQTAATSWGTVPSIAVYTANNGKITERCWDGKGWYTGAFNEPGDNVSVTSWLVGSAIHIRVYASTGTTTTEWCWDGN
GWTKGAYTSSTVPGDQTAATSWGTVPSIAVYTANNGKITERCWDGKGWYTGAFNEPGDNVSVTSWLVGSAIHIAVYASTG
TTTTEWCWDGNGWTKGAYTSSTVPGDQTAATSWGTVPSIRVYTANNGKITERCWDGKGWYTGAFNEPGDNVSVTSWLVGS
AIHIAVYASTGTTTTEWCWDGNGWTKGAYTAT
;
_entity_poly.pdbx_strand_id   A,B
#
loop_
_chem_comp.id
_chem_comp.type
_chem_comp.name
_chem_comp.formula
GOL non-polymer GLYCEROL 'C3 H8 O3'
R2F non-polymer '2-[2-[4-[[(2R,3S,4R,5S,6S)-6-methyl-3,4,5-tris(oxidanyl)oxan-2-yl]oxymethyl]-1,2,3-triazol-1-yl]ethoxy]ethyl 2-[3,6-bis(diethylamino)-9H-xanthen-9-yl]benzoate' 'C41 H53 N5 O9'
#
# COMPACT_ATOMS: atom_id res chain seq x y z
N SER A 3 -15.45 17.45 -19.18
CA SER A 3 -16.60 17.95 -18.42
C SER A 3 -16.21 18.14 -16.95
N VAL A 4 -17.03 18.80 -16.13
CA VAL A 4 -16.77 18.76 -14.67
C VAL A 4 -16.92 17.28 -14.26
N GLN A 5 -16.40 16.97 -13.09
CA GLN A 5 -16.29 15.64 -12.45
C GLN A 5 -16.97 15.79 -11.07
N THR A 6 -17.96 14.93 -10.76
CA THR A 6 -18.75 15.01 -9.50
C THR A 6 -18.57 13.79 -8.58
N ALA A 7 -18.91 13.99 -7.33
CA ALA A 7 -18.96 12.94 -6.31
C ALA A 7 -20.14 13.30 -5.40
N ALA A 8 -20.87 12.30 -4.90
CA ALA A 8 -22.14 12.46 -4.19
C ALA A 8 -22.16 11.52 -2.98
N THR A 9 -22.52 12.02 -1.80
CA THR A 9 -22.84 11.16 -0.64
C THR A 9 -24.24 11.60 -0.10
N SER A 10 -24.91 10.76 0.69
CA SER A 10 -26.21 11.10 1.30
C SER A 10 -26.33 10.44 2.65
N TRP A 11 -27.26 10.90 3.47
CA TRP A 11 -27.42 10.24 4.79
C TRP A 11 -28.82 10.44 5.33
N GLY A 12 -29.25 9.53 6.21
CA GLY A 12 -30.62 9.56 6.76
C GLY A 12 -31.61 9.27 5.65
N THR A 13 -32.88 9.55 5.91
CA THR A 13 -34.06 9.06 5.12
C THR A 13 -34.76 10.24 4.45
N VAL A 14 -34.43 11.46 4.84
CA VAL A 14 -34.97 12.72 4.22
C VAL A 14 -34.66 12.72 2.72
N PRO A 15 -33.44 12.44 2.21
CA PRO A 15 -32.19 12.42 2.98
C PRO A 15 -31.54 13.81 2.94
N SER A 16 -30.36 13.95 3.54
CA SER A 16 -29.39 15.02 3.21
C SER A 16 -28.44 14.51 2.12
N ILE A 17 -28.10 15.36 1.17
CA ILE A 17 -27.13 15.11 0.07
C ILE A 17 -26.08 16.21 0.01
N ALA A 18 -24.84 15.78 -0.14
CA ALA A 18 -23.71 16.64 -0.52
C ALA A 18 -23.21 16.22 -1.91
N VAL A 19 -23.20 17.13 -2.89
CA VAL A 19 -22.55 16.90 -4.21
C VAL A 19 -21.37 17.83 -4.38
N TYR A 20 -20.20 17.26 -4.66
CA TYR A 20 -18.90 17.94 -4.87
C TYR A 20 -18.65 17.93 -6.38
N THR A 21 -18.30 19.09 -6.95
CA THR A 21 -17.97 19.30 -8.39
C THR A 21 -16.58 19.92 -8.48
N ALA A 22 -15.68 19.22 -9.14
CA ALA A 22 -14.34 19.68 -9.55
C ALA A 22 -14.46 20.42 -10.87
N ASN A 23 -14.01 21.67 -10.90
CA ASN A 23 -14.09 22.51 -12.10
C ASN A 23 -12.93 23.50 -12.09
N ASN A 24 -12.15 23.51 -13.16
CA ASN A 24 -10.97 24.41 -13.34
C ASN A 24 -10.18 24.43 -12.02
N GLY A 25 -9.94 23.25 -11.45
CA GLY A 25 -9.00 23.08 -10.34
C GLY A 25 -9.63 23.44 -9.01
N LYS A 26 -10.92 23.78 -8.96
CA LYS A 26 -11.61 24.05 -7.67
C LYS A 26 -12.73 23.02 -7.43
N ILE A 27 -12.91 22.64 -6.15
CA ILE A 27 -14.03 21.77 -5.70
C ILE A 27 -14.99 22.59 -4.84
N THR A 28 -16.26 22.59 -5.26
CA THR A 28 -17.36 23.28 -4.53
C THR A 28 -18.50 22.29 -4.23
N GLU A 29 -19.34 22.68 -3.27
CA GLU A 29 -20.30 21.77 -2.62
C GLU A 29 -21.69 22.36 -2.81
N ARG A 30 -22.60 21.55 -3.32
CA ARG A 30 -24.07 21.79 -3.30
C ARG A 30 -24.74 20.79 -2.35
N CYS A 31 -25.56 21.28 -1.44
CA CYS A 31 -26.18 20.50 -0.34
C CYS A 31 -27.70 20.58 -0.46
N TRP A 32 -28.35 19.49 -0.03
CA TRP A 32 -29.83 19.33 -0.05
C TRP A 32 -30.24 18.85 1.32
N ASP A 33 -31.19 19.55 1.90
CA ASP A 33 -31.69 19.39 3.29
C ASP A 33 -33.14 18.87 3.28
N GLY A 34 -33.71 18.61 2.10
CA GLY A 34 -35.15 18.26 1.96
C GLY A 34 -36.00 19.42 1.49
N LYS A 35 -35.46 20.63 1.44
CA LYS A 35 -36.22 21.84 1.02
C LYS A 35 -35.23 22.80 0.34
N GLY A 36 -34.81 22.51 -0.89
CA GLY A 36 -33.92 23.37 -1.65
C GLY A 36 -32.45 22.95 -1.59
N TRP A 37 -31.78 23.11 -2.72
CA TRP A 37 -30.31 23.06 -2.90
C TRP A 37 -29.66 24.36 -2.41
N TYR A 38 -28.55 24.26 -1.70
CA TYR A 38 -27.79 25.47 -1.29
C TYR A 38 -26.30 25.15 -1.43
N THR A 39 -25.45 26.17 -1.40
CA THR A 39 -23.98 26.09 -1.58
C THR A 39 -23.34 25.88 -0.21
N GLY A 40 -22.63 24.75 -0.02
CA GLY A 40 -21.95 24.43 1.25
C GLY A 40 -20.65 25.19 1.41
N ALA A 41 -20.07 25.17 2.63
CA ALA A 41 -18.74 25.75 2.96
C ALA A 41 -17.62 25.18 2.07
N PHE A 42 -17.68 23.94 1.61
CA PHE A 42 -16.49 23.30 1.00
C PHE A 42 -15.99 24.06 -0.24
N ASN A 43 -14.71 24.35 -0.23
CA ASN A 43 -14.01 25.09 -1.31
C ASN A 43 -12.54 24.78 -1.09
N GLU A 44 -12.07 23.73 -1.74
CA GLU A 44 -10.66 23.29 -1.73
C GLU A 44 -10.17 23.13 -3.18
N PRO A 45 -8.86 23.20 -3.42
CA PRO A 45 -8.34 22.95 -4.76
C PRO A 45 -8.43 21.44 -5.09
N GLY A 46 -8.49 21.10 -6.38
CA GLY A 46 -8.56 19.71 -6.89
C GLY A 46 -9.06 19.65 -8.32
N ASP A 47 -8.58 18.66 -9.07
CA ASP A 47 -9.04 18.32 -10.44
C ASP A 47 -9.98 17.10 -10.39
N ASN A 48 -9.95 16.30 -9.33
CA ASN A 48 -10.78 15.07 -9.23
C ASN A 48 -11.24 14.90 -7.79
N VAL A 49 -12.46 14.40 -7.58
CA VAL A 49 -13.00 14.24 -6.19
C VAL A 49 -13.71 12.88 -5.98
N SER A 50 -13.55 12.33 -4.80
CA SER A 50 -14.42 11.23 -4.31
C SER A 50 -14.75 11.57 -2.86
N VAL A 51 -15.83 10.99 -2.36
CA VAL A 51 -16.34 11.31 -1.00
C VAL A 51 -16.89 10.07 -0.34
N THR A 52 -16.92 10.04 0.97
CA THR A 52 -17.64 9.01 1.72
C THR A 52 -18.09 9.66 3.03
N SER A 53 -19.11 9.15 3.67
CA SER A 53 -19.60 9.74 4.94
C SER A 53 -20.20 8.65 5.80
N TRP A 54 -20.35 8.91 7.10
CA TRP A 54 -21.01 7.97 8.03
C TRP A 54 -21.70 8.74 9.16
N LEU A 55 -22.76 8.17 9.71
CA LEU A 55 -23.58 8.79 10.78
C LEU A 55 -23.07 8.22 12.09
N VAL A 56 -22.66 9.09 12.99
CA VAL A 56 -22.43 8.77 14.43
C VAL A 56 -23.64 9.33 15.18
N GLY A 57 -24.47 8.43 15.69
CA GLY A 57 -25.90 8.68 16.01
C GLY A 57 -26.53 9.38 14.84
N SER A 58 -26.81 10.69 15.00
CA SER A 58 -27.46 11.56 13.99
C SER A 58 -26.54 12.73 13.57
N ALA A 59 -25.24 12.62 13.83
CA ALA A 59 -24.18 13.57 13.40
C ALA A 59 -23.44 12.98 12.18
N ILE A 60 -23.40 13.72 11.07
CA ILE A 60 -22.67 13.31 9.84
C ILE A 60 -21.17 13.62 9.98
N HIS A 61 -20.34 12.70 9.50
CA HIS A 61 -18.88 12.89 9.30
C HIS A 61 -18.56 12.62 7.82
N ILE A 62 -17.93 13.58 7.15
CA ILE A 62 -17.70 13.55 5.68
C ILE A 62 -16.19 13.59 5.49
N ARG A 63 -15.72 12.82 4.50
CA ARG A 63 -14.31 12.83 4.04
C ARG A 63 -14.35 13.01 2.53
N VAL A 64 -13.70 14.05 2.05
CA VAL A 64 -13.54 14.35 0.61
C VAL A 64 -12.07 14.16 0.30
N TYR A 65 -11.78 13.39 -0.77
CA TYR A 65 -10.43 13.07 -1.28
C TYR A 65 -10.28 13.89 -2.54
N ALA A 66 -9.46 14.92 -2.46
CA ALA A 66 -9.22 15.93 -3.51
C ALA A 66 -7.86 15.65 -4.16
N SER A 67 -7.80 15.43 -5.48
CA SER A 67 -6.55 15.07 -6.20
C SER A 67 -5.87 16.32 -6.76
N THR A 68 -4.63 16.61 -6.37
CA THR A 68 -3.89 17.82 -6.81
C THR A 68 -2.50 17.42 -7.28
N GLY A 69 -2.40 16.92 -8.52
CA GLY A 69 -1.14 16.52 -9.18
C GLY A 69 -0.46 15.36 -8.47
N THR A 70 0.51 15.65 -7.61
CA THR A 70 1.43 14.68 -6.94
C THR A 70 0.96 14.38 -5.52
N THR A 71 -0.27 14.77 -5.17
CA THR A 71 -0.90 14.39 -3.88
C THR A 71 -2.43 14.33 -4.02
N THR A 72 -3.04 13.50 -3.17
CA THR A 72 -4.48 13.55 -2.83
C THR A 72 -4.63 13.98 -1.35
N THR A 73 -5.33 15.07 -1.06
CA THR A 73 -5.62 15.54 0.32
C THR A 73 -7.01 15.10 0.79
N GLU A 74 -7.08 14.51 1.98
CA GLU A 74 -8.33 14.27 2.74
C GLU A 74 -8.75 15.55 3.44
N TRP A 75 -10.01 15.96 3.24
CA TRP A 75 -10.68 17.09 3.92
C TRP A 75 -11.81 16.57 4.77
N CYS A 76 -11.84 16.96 6.04
CA CYS A 76 -12.73 16.37 7.06
C CYS A 76 -13.80 17.39 7.48
N TRP A 77 -15.07 16.97 7.48
CA TRP A 77 -16.17 17.65 8.22
C TRP A 77 -16.58 16.75 9.39
N ASP A 78 -16.58 17.26 10.61
CA ASP A 78 -17.11 16.55 11.81
C ASP A 78 -17.91 17.54 12.63
N GLY A 79 -18.76 18.32 11.98
CA GLY A 79 -19.86 19.10 12.59
C GLY A 79 -19.48 20.55 12.84
N ASN A 80 -18.20 20.89 12.77
CA ASN A 80 -17.68 22.19 13.27
C ASN A 80 -16.58 22.63 12.32
N GLY A 81 -16.80 22.56 11.00
CA GLY A 81 -15.88 23.11 9.97
C GLY A 81 -15.00 22.06 9.30
N TRP A 82 -14.45 22.41 8.12
CA TRP A 82 -13.55 21.58 7.29
C TRP A 82 -12.12 21.73 7.81
N THR A 83 -11.41 20.61 7.97
CA THR A 83 -9.99 20.57 8.41
C THR A 83 -9.28 19.45 7.64
N LYS A 84 -7.96 19.54 7.51
CA LYS A 84 -7.12 18.58 6.79
C LYS A 84 -6.99 17.27 7.58
N GLY A 85 -7.17 16.17 6.84
CA GLY A 85 -7.11 14.81 7.38
C GLY A 85 -5.70 14.28 7.35
N ALA A 86 -5.49 13.19 8.08
CA ALA A 86 -4.21 12.46 8.17
C ALA A 86 -3.87 11.72 6.84
N TYR A 87 -4.79 11.59 5.87
CA TYR A 87 -4.50 10.91 4.59
C TYR A 87 -3.26 11.57 3.97
N THR A 88 -2.37 10.77 3.44
CA THR A 88 -1.29 11.24 2.54
C THR A 88 -1.21 10.25 1.40
N SER A 89 -0.84 10.70 0.22
CA SER A 89 -0.42 9.79 -0.86
C SER A 89 0.71 10.51 -1.61
N SER A 90 1.29 9.81 -2.56
CA SER A 90 2.23 10.36 -3.55
C SER A 90 1.84 9.77 -4.89
N THR A 91 1.48 10.62 -5.83
CA THR A 91 0.78 10.29 -7.10
C THR A 91 1.47 11.00 -8.25
N VAL A 92 0.90 10.85 -9.44
CA VAL A 92 1.25 11.60 -10.68
C VAL A 92 -0.02 12.27 -11.19
N PRO A 93 0.10 13.47 -11.78
CA PRO A 93 -1.02 14.03 -12.51
C PRO A 93 -1.73 12.96 -13.35
N ASP A 95 -4.51 10.90 -11.63
CA ASP A 95 -5.03 10.51 -10.29
C ASP A 95 -6.58 10.61 -10.25
N GLN A 96 -7.27 9.48 -10.23
CA GLN A 96 -8.74 9.39 -9.98
C GLN A 96 -8.97 8.45 -8.77
N THR A 97 -9.76 8.85 -7.78
CA THR A 97 -9.90 8.09 -6.53
C THR A 97 -11.36 7.61 -6.41
N ALA A 98 -11.55 6.52 -5.67
CA ALA A 98 -12.88 6.09 -5.17
C ALA A 98 -12.76 5.81 -3.68
N ALA A 99 -13.73 6.22 -2.90
CA ALA A 99 -13.71 5.99 -1.44
C ALA A 99 -14.97 5.24 -1.01
N THR A 100 -14.82 4.37 -0.03
CA THR A 100 -15.98 3.81 0.70
C THR A 100 -15.64 3.77 2.19
N SER A 101 -16.62 3.67 3.04
CA SER A 101 -16.37 3.47 4.50
C SER A 101 -17.49 2.64 5.12
N TRP A 102 -17.27 2.12 6.33
CA TRP A 102 -18.28 1.25 6.99
C TRP A 102 -18.13 1.27 8.51
N GLY A 103 -19.24 1.04 9.20
CA GLY A 103 -19.29 1.11 10.67
C GLY A 103 -19.19 2.56 11.12
N THR A 104 -18.93 2.78 12.39
CA THR A 104 -18.97 4.12 13.02
C THR A 104 -17.58 4.47 13.52
N VAL A 105 -16.69 3.47 13.58
CA VAL A 105 -15.24 3.66 13.88
C VAL A 105 -14.70 4.86 13.12
N PRO A 106 -14.80 5.01 11.78
CA PRO A 106 -15.24 3.99 10.85
C PRO A 106 -13.99 3.31 10.30
N SER A 107 -14.15 2.33 9.44
CA SER A 107 -13.07 1.88 8.52
C SER A 107 -13.27 2.56 7.17
N ILE A 108 -12.18 2.93 6.52
CA ILE A 108 -12.18 3.60 5.17
C ILE A 108 -11.22 2.85 4.25
N ALA A 109 -11.57 2.75 2.97
CA ALA A 109 -10.71 2.25 1.87
C ALA A 109 -10.79 3.27 0.73
N VAL A 110 -9.64 3.79 0.33
CA VAL A 110 -9.49 4.74 -0.79
C VAL A 110 -8.69 4.03 -1.89
N TYR A 111 -9.28 3.89 -3.07
CA TYR A 111 -8.68 3.31 -4.30
C TYR A 111 -8.30 4.45 -5.21
N THR A 112 -7.08 4.40 -5.70
CA THR A 112 -6.49 5.39 -6.64
C THR A 112 -6.03 4.68 -7.91
N ALA A 113 -6.55 5.12 -9.07
CA ALA A 113 -6.03 4.81 -10.42
C ALA A 113 -4.93 5.85 -10.70
N ASN A 114 -3.69 5.39 -10.82
CA ASN A 114 -2.56 6.28 -11.15
C ASN A 114 -1.86 5.58 -12.32
N ASN A 115 -1.95 6.20 -13.49
CA ASN A 115 -1.19 5.78 -14.69
C ASN A 115 -1.45 4.29 -14.88
N GLY A 116 -2.70 3.88 -14.94
CA GLY A 116 -3.08 2.53 -15.42
C GLY A 116 -3.03 1.46 -14.33
N LYS A 117 -2.77 1.83 -13.09
CA LYS A 117 -2.72 0.88 -11.93
C LYS A 117 -3.63 1.41 -10.82
N ILE A 118 -4.44 0.55 -10.19
CA ILE A 118 -5.29 0.95 -9.03
C ILE A 118 -4.66 0.35 -7.80
N THR A 119 -4.48 1.19 -6.79
CA THR A 119 -3.85 0.84 -5.49
C THR A 119 -4.79 1.30 -4.39
N GLU A 120 -4.47 0.97 -3.16
CA GLU A 120 -5.43 1.05 -2.03
C GLU A 120 -4.73 1.53 -0.76
N ARG A 121 -5.38 2.49 -0.08
CA ARG A 121 -5.03 2.98 1.29
C ARG A 121 -6.23 2.73 2.21
N CYS A 122 -5.97 2.25 3.41
CA CYS A 122 -7.01 1.75 4.33
C CYS A 122 -6.83 2.48 5.66
N TRP A 123 -7.94 2.79 6.33
CA TRP A 123 -7.96 3.38 7.70
C TRP A 123 -8.78 2.48 8.62
N ASP A 124 -8.20 2.09 9.75
CA ASP A 124 -8.82 1.12 10.69
C ASP A 124 -9.11 1.79 12.04
N GLY A 125 -8.91 3.11 12.15
CA GLY A 125 -9.15 3.83 13.41
C GLY A 125 -7.86 4.16 14.14
N LYS A 126 -6.77 3.45 13.81
CA LYS A 126 -5.43 3.63 14.43
C LYS A 126 -4.59 4.53 13.52
N GLY A 127 -4.51 4.18 12.23
CA GLY A 127 -3.78 4.99 11.25
C GLY A 127 -4.01 4.47 9.83
N TRP A 128 -3.43 5.16 8.86
CA TRP A 128 -3.48 4.83 7.43
C TRP A 128 -2.44 3.75 7.15
N TYR A 129 -2.81 2.78 6.33
CA TYR A 129 -1.86 1.74 5.87
C TYR A 129 -2.15 1.45 4.41
N THR A 130 -1.25 0.75 3.74
CA THR A 130 -1.35 0.35 2.31
C THR A 130 -2.21 -0.90 2.28
N GLY A 131 -3.30 -0.97 1.52
CA GLY A 131 -4.05 -2.24 1.40
C GLY A 131 -3.41 -3.17 0.37
N ALA A 132 -3.85 -4.44 0.33
CA ALA A 132 -3.33 -5.48 -0.56
C ALA A 132 -3.77 -5.23 -2.01
N PHE A 133 -4.87 -4.53 -2.25
CA PHE A 133 -5.43 -4.39 -3.62
C PHE A 133 -4.43 -3.69 -4.56
N ASN A 134 -4.22 -4.25 -5.73
CA ASN A 134 -3.29 -3.74 -6.76
C ASN A 134 -3.61 -4.45 -8.06
N GLU A 135 -4.32 -3.81 -8.94
CA GLU A 135 -4.79 -4.40 -10.22
C GLU A 135 -4.78 -3.31 -11.29
N PRO A 136 -4.78 -3.68 -12.59
CA PRO A 136 -4.83 -2.70 -13.66
C PRO A 136 -6.11 -1.87 -13.61
N GLY A 137 -5.99 -0.60 -13.99
CA GLY A 137 -7.14 0.28 -14.27
C GLY A 137 -6.74 1.72 -14.43
N ASP A 138 -7.44 2.41 -15.33
CA ASP A 138 -7.39 3.87 -15.53
C ASP A 138 -8.52 4.53 -14.76
N ASN A 139 -9.58 3.78 -14.48
CA ASN A 139 -10.81 4.29 -13.84
C ASN A 139 -11.28 3.33 -12.74
N VAL A 140 -11.71 3.88 -11.61
CA VAL A 140 -12.11 3.06 -10.42
C VAL A 140 -13.37 3.66 -9.81
N SER A 141 -14.33 2.81 -9.47
CA SER A 141 -15.40 3.10 -8.50
C SER A 141 -15.51 1.91 -7.54
N VAL A 142 -16.11 2.17 -6.39
CA VAL A 142 -16.19 1.23 -5.24
C VAL A 142 -17.56 1.37 -4.57
N THR A 143 -18.11 0.29 -4.06
CA THR A 143 -19.22 0.30 -3.10
C THR A 143 -18.93 -0.82 -2.11
N SER A 144 -19.53 -0.76 -0.93
CA SER A 144 -19.32 -1.78 0.11
C SER A 144 -20.61 -1.95 0.89
N TRP A 145 -20.73 -3.08 1.57
CA TRP A 145 -21.90 -3.41 2.41
C TRP A 145 -21.43 -4.33 3.53
N LEU A 146 -22.00 -4.12 4.72
CA LEU A 146 -21.81 -4.98 5.91
C LEU A 146 -22.79 -6.16 5.84
N VAL A 147 -22.28 -7.38 5.98
CA VAL A 147 -23.11 -8.56 6.38
C VAL A 147 -22.83 -8.77 7.86
N GLY A 148 -23.74 -8.27 8.71
CA GLY A 148 -23.53 -8.11 10.16
C GLY A 148 -22.37 -7.17 10.41
N SER A 149 -21.20 -7.73 10.67
CA SER A 149 -19.94 -7.01 11.00
C SER A 149 -18.83 -7.39 9.99
N ALA A 150 -19.13 -8.23 9.01
CA ALA A 150 -18.22 -8.56 7.87
C ALA A 150 -18.46 -7.59 6.70
N ILE A 151 -17.46 -6.80 6.37
CA ILE A 151 -17.46 -5.89 5.18
C ILE A 151 -17.30 -6.69 3.87
N HIS A 152 -18.05 -6.34 2.84
CA HIS A 152 -17.83 -6.78 1.44
C HIS A 152 -17.59 -5.53 0.62
N ILE A 153 -16.68 -5.63 -0.34
CA ILE A 153 -16.26 -4.50 -1.19
C ILE A 153 -16.32 -4.99 -2.62
N ALA A 154 -16.90 -4.17 -3.48
CA ALA A 154 -17.00 -4.37 -4.92
C ALA A 154 -16.25 -3.19 -5.54
N VAL A 155 -15.11 -3.46 -6.15
CA VAL A 155 -14.31 -2.46 -6.93
C VAL A 155 -14.56 -2.71 -8.42
N TYR A 156 -14.88 -1.64 -9.14
CA TYR A 156 -15.03 -1.61 -10.62
C TYR A 156 -13.86 -0.82 -11.19
N ALA A 157 -12.95 -1.57 -11.81
CA ALA A 157 -11.69 -1.16 -12.45
C ALA A 157 -11.86 -1.19 -13.97
N SER A 158 -11.77 -0.03 -14.62
CA SER A 158 -11.88 0.07 -16.08
C SER A 158 -10.52 0.42 -16.69
N THR A 159 -10.05 -0.45 -17.58
CA THR A 159 -8.76 -0.32 -18.28
C THR A 159 -9.03 -0.07 -19.76
N THR A 161 -9.90 -2.11 -22.29
CA THR A 161 -10.28 -3.44 -22.82
C THR A 161 -11.58 -3.90 -22.15
N THR A 162 -11.67 -3.89 -20.82
CA THR A 162 -12.81 -4.46 -20.06
C THR A 162 -12.97 -3.78 -18.68
N THR A 163 -14.21 -3.65 -18.19
CA THR A 163 -14.46 -3.31 -16.78
C THR A 163 -14.48 -4.59 -15.97
N THR A 164 -13.63 -4.69 -14.94
CA THR A 164 -13.57 -5.88 -14.06
C THR A 164 -13.99 -5.51 -12.64
N GLU A 165 -14.82 -6.38 -12.07
CA GLU A 165 -15.36 -6.29 -10.71
C GLU A 165 -14.37 -7.11 -9.89
N TRP A 166 -13.92 -6.55 -8.78
CA TRP A 166 -12.99 -7.18 -7.84
C TRP A 166 -13.74 -7.15 -6.52
N CYS A 167 -13.98 -8.33 -5.93
CA CYS A 167 -14.80 -8.53 -4.72
C CYS A 167 -13.87 -8.92 -3.59
N TRP A 168 -14.05 -8.26 -2.44
CA TRP A 168 -13.37 -8.59 -1.17
C TRP A 168 -14.43 -9.13 -0.20
N ASP A 169 -14.26 -10.36 0.30
CA ASP A 169 -15.21 -11.04 1.22
C ASP A 169 -14.61 -11.12 2.63
N GLY A 170 -13.59 -10.30 2.95
CA GLY A 170 -13.00 -10.26 4.30
C GLY A 170 -11.76 -11.14 4.43
N ASN A 171 -11.45 -12.01 3.46
CA ASN A 171 -10.18 -12.77 3.62
C ASN A 171 -9.43 -12.83 2.28
N GLY A 172 -10.07 -12.67 1.13
CA GLY A 172 -9.33 -12.49 -0.15
C GLY A 172 -10.10 -11.67 -1.17
N TRP A 173 -9.43 -11.28 -2.26
CA TRP A 173 -9.90 -10.54 -3.45
C TRP A 173 -10.12 -11.49 -4.63
N THR A 174 -11.26 -11.46 -5.29
CA THR A 174 -11.49 -12.32 -6.48
C THR A 174 -12.21 -11.51 -7.56
N LYS A 175 -12.16 -12.00 -8.79
CA LYS A 175 -12.91 -11.47 -9.97
C LYS A 175 -14.39 -11.82 -9.81
N GLY A 176 -15.30 -10.83 -9.85
CA GLY A 176 -16.75 -11.04 -9.63
C GLY A 176 -17.46 -11.38 -10.93
N ALA A 177 -18.74 -11.81 -10.86
CA ALA A 177 -19.62 -12.19 -12.00
C ALA A 177 -19.97 -11.00 -12.94
N TYR A 178 -19.70 -9.74 -12.55
CA TYR A 178 -19.67 -8.57 -13.48
C TYR A 178 -18.45 -8.69 -14.42
N THR A 179 -18.66 -8.39 -15.71
CA THR A 179 -17.65 -7.96 -16.74
C THR A 179 -18.43 -7.56 -18.00
N SER A 180 -18.56 -6.25 -18.32
CA SER A 180 -19.25 -5.78 -19.57
C SER A 180 -18.19 -5.53 -20.67
N SER A 181 -17.17 -6.41 -20.71
CA SER A 181 -15.99 -6.48 -21.64
C SER A 181 -16.28 -5.87 -23.01
N PRO A 184 -13.78 1.66 -24.79
CA PRO A 184 -12.59 2.30 -24.20
C PRO A 184 -12.90 3.66 -23.54
N GLY A 185 -12.26 3.94 -22.40
CA GLY A 185 -12.53 5.13 -21.57
C GLY A 185 -13.93 5.06 -20.99
N ASP A 186 -14.19 4.04 -20.19
CA ASP A 186 -15.35 3.95 -19.28
C ASP A 186 -15.02 4.69 -17.98
N GLN A 187 -15.94 5.50 -17.51
CA GLN A 187 -15.89 6.13 -16.17
C GLN A 187 -17.13 5.63 -15.40
N THR A 188 -16.93 4.92 -14.29
CA THR A 188 -18.02 4.18 -13.60
C THR A 188 -18.30 4.87 -12.28
N ALA A 189 -19.54 4.67 -11.82
CA ALA A 189 -19.96 5.02 -10.44
C ALA A 189 -20.87 3.88 -10.00
N ALA A 190 -20.74 3.47 -8.74
CA ALA A 190 -21.38 2.28 -8.15
C ALA A 190 -22.13 2.69 -6.90
N THR A 191 -23.28 2.06 -6.63
CA THR A 191 -23.93 2.18 -5.29
C THR A 191 -24.49 0.78 -4.96
N SER A 192 -24.89 0.57 -3.72
CA SER A 192 -25.45 -0.71 -3.28
C SER A 192 -26.37 -0.47 -2.09
N TRP A 193 -27.19 -1.45 -1.76
CA TRP A 193 -28.08 -1.30 -0.60
C TRP A 193 -28.49 -2.67 -0.08
N GLY A 194 -28.79 -2.76 1.23
CA GLY A 194 -29.25 -4.01 1.87
C GLY A 194 -28.09 -4.97 2.01
N THR A 195 -28.38 -6.27 2.15
CA THR A 195 -27.36 -7.29 2.46
C THR A 195 -27.31 -8.38 1.40
N VAL A 196 -28.23 -8.39 0.44
CA VAL A 196 -28.13 -9.35 -0.68
C VAL A 196 -26.74 -9.22 -1.29
N PRO A 197 -26.29 -8.05 -1.78
CA PRO A 197 -27.04 -6.79 -1.84
C PRO A 197 -27.61 -6.54 -3.24
N SER A 198 -28.30 -5.42 -3.40
CA SER A 198 -28.47 -4.84 -4.77
C SER A 198 -27.28 -3.92 -5.06
N ILE A 199 -26.78 -3.96 -6.28
CA ILE A 199 -25.74 -3.04 -6.79
C ILE A 199 -26.28 -2.41 -8.05
N ARG A 200 -25.96 -1.15 -8.27
CA ARG A 200 -26.11 -0.48 -9.57
C ARG A 200 -24.77 0.16 -9.93
N VAL A 201 -24.32 -0.10 -11.15
CA VAL A 201 -23.09 0.44 -11.74
C VAL A 201 -23.49 1.26 -12.97
N TYR A 202 -23.12 2.54 -12.97
CA TYR A 202 -23.41 3.53 -14.03
C TYR A 202 -22.11 3.78 -14.78
N THR A 203 -22.12 3.68 -16.13
CA THR A 203 -20.93 3.89 -17.01
C THR A 203 -21.16 5.05 -17.98
N ALA A 204 -20.40 6.13 -17.88
CA ALA A 204 -20.28 7.19 -18.92
C ALA A 204 -19.27 6.68 -19.98
N ASN A 205 -19.74 6.54 -21.20
CA ASN A 205 -18.93 6.05 -22.33
C ASN A 205 -19.45 6.79 -23.57
N ASN A 206 -18.60 7.54 -24.28
CA ASN A 206 -19.05 8.19 -25.55
C ASN A 206 -20.31 9.04 -25.33
N GLY A 207 -20.41 9.75 -24.19
CA GLY A 207 -21.47 10.72 -23.90
C GLY A 207 -22.82 10.10 -23.56
N LYS A 208 -22.92 8.77 -23.46
CA LYS A 208 -24.14 8.10 -22.93
C LYS A 208 -23.78 7.51 -21.56
N ILE A 209 -24.64 7.67 -20.55
CA ILE A 209 -24.56 6.92 -19.25
C ILE A 209 -25.59 5.81 -19.29
N THR A 210 -25.18 4.60 -18.97
CA THR A 210 -26.03 3.40 -18.96
C THR A 210 -25.76 2.65 -17.66
N GLU A 211 -26.50 1.58 -17.41
CA GLU A 211 -26.70 1.05 -16.06
C GLU A 211 -26.67 -0.48 -16.12
N ARG A 212 -25.98 -1.06 -15.15
CA ARG A 212 -25.96 -2.52 -14.96
C ARG A 212 -26.37 -2.79 -13.50
N CYS A 213 -27.16 -3.83 -13.32
CA CYS A 213 -27.93 -4.10 -12.09
C CYS A 213 -27.71 -5.53 -11.63
N TRP A 214 -27.57 -5.67 -10.31
CA TRP A 214 -27.48 -6.93 -9.56
C TRP A 214 -28.47 -6.85 -8.42
N ASP A 215 -29.35 -7.85 -8.37
CA ASP A 215 -30.26 -8.04 -7.22
C ASP A 215 -30.11 -9.48 -6.71
N GLY A 216 -28.88 -10.00 -6.67
CA GLY A 216 -28.54 -11.31 -6.09
C GLY A 216 -28.70 -12.47 -7.08
N LYS A 217 -29.12 -12.25 -8.33
CA LYS A 217 -29.45 -13.38 -9.23
C LYS A 217 -28.98 -13.12 -10.67
N GLY A 218 -27.88 -12.39 -10.86
CA GLY A 218 -27.27 -12.14 -12.19
C GLY A 218 -27.36 -10.68 -12.60
N TRP A 219 -26.40 -10.22 -13.39
CA TRP A 219 -26.38 -8.83 -13.93
C TRP A 219 -27.32 -8.69 -15.12
N TYR A 220 -27.96 -7.53 -15.20
CA TYR A 220 -28.90 -7.13 -16.29
C TYR A 220 -28.76 -5.61 -16.52
N THR A 221 -29.05 -5.20 -17.74
CA THR A 221 -29.12 -3.78 -18.19
C THR A 221 -30.36 -3.12 -17.60
N GLY A 222 -30.18 -2.01 -16.88
CA GLY A 222 -31.27 -1.27 -16.21
C GLY A 222 -31.91 -0.28 -17.16
N ALA A 223 -33.02 0.33 -16.76
CA ALA A 223 -33.74 1.28 -17.63
C ALA A 223 -32.95 2.60 -17.73
N PHE A 224 -31.96 2.86 -16.88
CA PHE A 224 -31.26 4.18 -16.86
C PHE A 224 -30.44 4.41 -18.13
N ASN A 225 -30.70 5.54 -18.78
CA ASN A 225 -30.09 5.90 -20.10
C ASN A 225 -30.18 7.42 -20.32
N GLU A 226 -29.10 8.13 -20.09
CA GLU A 226 -29.09 9.61 -20.16
C GLU A 226 -27.75 10.09 -20.70
N PRO A 227 -27.76 11.23 -21.40
CA PRO A 227 -26.53 11.84 -21.92
C PRO A 227 -25.63 12.26 -20.75
N GLY A 228 -24.31 12.09 -20.90
CA GLY A 228 -23.33 12.64 -19.95
C GLY A 228 -21.95 12.13 -20.22
N ASP A 229 -20.92 12.85 -19.78
CA ASP A 229 -19.50 12.40 -19.89
C ASP A 229 -18.96 12.04 -18.51
N ASN A 230 -19.60 12.53 -17.46
CA ASN A 230 -19.27 12.17 -16.07
C ASN A 230 -20.54 11.75 -15.31
N VAL A 231 -20.44 10.70 -14.49
CA VAL A 231 -21.53 10.18 -13.60
C VAL A 231 -21.02 10.01 -12.17
N SER A 232 -21.79 10.49 -11.20
CA SER A 232 -21.73 10.11 -9.77
C SER A 232 -23.11 9.61 -9.33
N VAL A 233 -23.21 8.92 -8.19
CA VAL A 233 -24.48 8.37 -7.66
C VAL A 233 -24.39 8.21 -6.14
N THR A 234 -25.51 8.32 -5.50
CA THR A 234 -25.73 7.99 -4.08
C THR A 234 -27.14 7.40 -4.07
N SER A 235 -27.45 6.59 -3.08
CA SER A 235 -28.77 5.97 -2.91
C SER A 235 -29.03 5.89 -1.42
N TRP A 236 -30.29 5.77 -1.04
CA TRP A 236 -30.68 5.56 0.37
C TRP A 236 -31.95 4.71 0.40
N LEU A 237 -32.04 3.83 1.39
CA LEU A 237 -33.27 3.05 1.67
C LEU A 237 -34.22 3.84 2.56
N VAL A 238 -35.52 3.64 2.35
CA VAL A 238 -36.54 4.01 3.35
C VAL A 238 -37.42 2.77 3.50
N GLY A 239 -37.26 2.08 4.64
CA GLY A 239 -37.70 0.70 4.85
C GLY A 239 -37.22 -0.09 3.67
N SER A 240 -38.16 -0.61 2.86
CA SER A 240 -37.90 -1.52 1.73
C SER A 240 -37.68 -0.72 0.43
N ALA A 241 -37.92 0.58 0.42
CA ALA A 241 -37.89 1.36 -0.83
C ALA A 241 -36.50 1.96 -1.07
N ILE A 242 -35.88 1.64 -2.22
CA ILE A 242 -34.64 2.34 -2.66
C ILE A 242 -35.00 3.68 -3.35
N HIS A 243 -34.15 4.65 -3.10
CA HIS A 243 -34.04 5.98 -3.73
C HIS A 243 -32.63 6.12 -4.26
N ILE A 244 -32.50 6.53 -5.51
CA ILE A 244 -31.19 6.81 -6.16
C ILE A 244 -31.22 8.24 -6.71
N ALA A 245 -30.08 8.94 -6.61
CA ALA A 245 -29.78 10.22 -7.27
C ALA A 245 -28.52 10.00 -8.09
N VAL A 246 -28.63 10.05 -9.42
CA VAL A 246 -27.48 9.99 -10.37
C VAL A 246 -27.21 11.44 -10.82
N TYR A 247 -25.93 11.86 -10.82
CA TYR A 247 -25.48 13.17 -11.32
C TYR A 247 -24.71 12.94 -12.62
N ALA A 248 -25.34 13.33 -13.73
CA ALA A 248 -24.80 13.26 -15.09
C ALA A 248 -24.25 14.64 -15.49
N SER A 249 -22.98 14.73 -15.87
CA SER A 249 -22.40 16.02 -16.28
C SER A 249 -21.94 15.99 -17.75
N THR A 250 -22.24 17.07 -18.49
CA THR A 250 -21.60 17.44 -19.77
C THR A 250 -21.17 18.91 -19.73
N GLY A 251 -19.92 19.20 -20.12
CA GLY A 251 -19.23 20.48 -19.85
C GLY A 251 -19.38 20.90 -18.40
N THR A 252 -20.02 22.04 -18.15
CA THR A 252 -20.33 22.55 -16.80
C THR A 252 -21.81 22.28 -16.45
N THR A 253 -22.55 21.54 -17.26
CA THR A 253 -23.96 21.24 -16.93
C THR A 253 -24.08 19.87 -16.24
N THR A 254 -24.47 19.89 -14.97
CA THR A 254 -24.81 18.69 -14.15
C THR A 254 -26.33 18.57 -14.04
N THR A 255 -26.91 17.46 -14.50
CA THR A 255 -28.34 17.10 -14.32
C THR A 255 -28.50 15.90 -13.37
N GLU A 256 -29.39 16.04 -12.39
CA GLU A 256 -29.76 14.99 -11.41
C GLU A 256 -30.87 14.15 -12.02
N TRP A 257 -30.74 12.84 -11.92
CA TRP A 257 -31.82 11.88 -12.21
C TRP A 257 -32.18 11.13 -10.93
N CYS A 258 -33.47 11.02 -10.64
CA CYS A 258 -33.98 10.41 -9.40
C CYS A 258 -34.82 9.20 -9.74
N TRP A 259 -34.55 8.10 -9.01
CA TRP A 259 -35.39 6.91 -8.86
C TRP A 259 -36.01 6.96 -7.48
N ASP A 260 -37.34 6.98 -7.43
CA ASP A 260 -38.12 6.95 -6.17
C ASP A 260 -39.08 5.74 -6.24
N GLY A 261 -38.88 4.83 -7.20
CA GLY A 261 -39.65 3.59 -7.33
C GLY A 261 -40.67 3.67 -8.46
N ASN A 262 -40.72 4.80 -9.17
CA ASN A 262 -41.69 5.08 -10.25
C ASN A 262 -40.99 5.79 -11.43
N GLY A 263 -39.93 5.19 -11.99
CA GLY A 263 -39.28 5.68 -13.23
C GLY A 263 -38.22 6.72 -12.88
N TRP A 264 -37.28 6.92 -13.78
CA TRP A 264 -36.25 7.98 -13.63
C TRP A 264 -36.86 9.34 -13.99
N THR A 265 -36.77 10.33 -13.10
CA THR A 265 -37.27 11.70 -13.37
C THR A 265 -36.16 12.72 -13.09
N LYS A 266 -36.18 13.89 -13.76
CA LYS A 266 -35.16 14.94 -13.58
C LYS A 266 -35.36 15.52 -12.17
N GLY A 267 -34.30 15.61 -11.35
CA GLY A 267 -34.42 16.16 -9.99
C GLY A 267 -34.22 17.66 -10.03
N ALA A 268 -34.35 18.32 -8.88
CA ALA A 268 -34.30 19.78 -8.68
C ALA A 268 -32.86 20.29 -8.73
N TYR A 269 -31.86 19.42 -8.56
CA TYR A 269 -30.45 19.86 -8.43
C TYR A 269 -30.10 20.92 -9.48
N THR A 270 -29.49 22.02 -9.02
CA THR A 270 -28.72 22.95 -9.88
C THR A 270 -27.36 23.22 -9.22
N ALA A 271 -26.41 23.69 -10.01
CA ALA A 271 -25.06 24.09 -9.56
C ALA A 271 -25.10 25.58 -9.14
N THR A 272 -25.76 26.43 -9.93
CA THR A 272 -26.05 27.89 -9.70
C THR A 272 -24.75 28.69 -9.67
N SER B 2 7.93 8.16 11.14
CA SER B 2 8.82 9.32 11.44
C SER B 2 10.10 9.34 10.59
N SER B 3 10.66 8.22 10.16
CA SER B 3 11.72 8.21 9.10
C SER B 3 11.29 7.27 7.96
N VAL B 4 11.78 7.46 6.74
CA VAL B 4 11.66 6.44 5.67
C VAL B 4 12.41 5.18 6.13
N GLN B 5 12.19 4.07 5.42
CA GLN B 5 12.69 2.72 5.79
C GLN B 5 13.25 2.14 4.50
N THR B 6 14.50 1.68 4.52
CA THR B 6 15.26 1.26 3.33
C THR B 6 15.62 -0.23 3.40
N ALA B 7 15.90 -0.76 2.23
CA ALA B 7 16.37 -2.13 2.08
C ALA B 7 17.34 -2.07 0.92
N ALA B 8 18.44 -2.78 1.05
CA ALA B 8 19.57 -2.69 0.11
C ALA B 8 19.99 -4.10 -0.25
N THR B 9 20.41 -4.32 -1.50
CA THR B 9 21.05 -5.57 -1.92
C THR B 9 22.10 -5.19 -2.95
N SER B 10 23.04 -6.08 -3.22
CA SER B 10 24.15 -5.80 -4.15
C SER B 10 24.60 -7.09 -4.79
N TRP B 11 25.31 -7.00 -5.92
CA TRP B 11 25.88 -8.22 -6.56
C TRP B 11 27.11 -7.91 -7.42
N GLY B 12 27.94 -8.92 -7.66
CA GLY B 12 29.16 -8.75 -8.43
C GLY B 12 30.22 -8.01 -7.63
N THR B 13 31.22 -7.51 -8.32
CA THR B 13 32.43 -6.94 -7.70
C THR B 13 32.46 -5.43 -7.97
N VAL B 14 31.66 -4.94 -8.92
CA VAL B 14 31.73 -3.48 -9.22
C VAL B 14 31.42 -2.70 -7.94
N PRO B 15 30.32 -2.94 -7.19
CA PRO B 15 29.25 -3.85 -7.50
C PRO B 15 28.09 -3.15 -8.23
N SER B 16 27.03 -3.86 -8.54
CA SER B 16 25.69 -3.24 -8.68
C SER B 16 25.04 -3.17 -7.30
N ILE B 17 24.34 -2.07 -7.02
CA ILE B 17 23.51 -1.94 -5.79
C ILE B 17 22.09 -1.53 -6.21
N ALA B 18 21.13 -2.05 -5.46
CA ALA B 18 19.73 -1.61 -5.53
C ALA B 18 19.31 -1.21 -4.13
N VAL B 19 18.86 0.02 -3.97
CA VAL B 19 18.35 0.50 -2.64
C VAL B 19 16.88 0.84 -2.78
N TYR B 20 16.02 0.24 -1.96
CA TYR B 20 14.55 0.46 -1.97
C TYR B 20 14.17 1.34 -0.79
N THR B 21 13.34 2.34 -1.01
CA THR B 21 12.93 3.26 0.09
C THR B 21 11.42 3.23 0.21
N ALA B 22 10.90 2.88 1.39
CA ALA B 22 9.48 3.09 1.70
C ALA B 22 9.28 4.47 2.34
N ASN B 23 8.44 5.26 1.68
CA ASN B 23 8.16 6.68 2.01
C ASN B 23 6.65 6.89 1.86
N ASN B 24 5.97 6.95 3.00
CA ASN B 24 4.56 7.38 3.05
C ASN B 24 3.71 6.49 2.15
N GLY B 25 3.84 5.17 2.28
CA GLY B 25 3.05 4.16 1.54
C GLY B 25 3.58 3.92 0.14
N LYS B 26 4.73 4.49 -0.23
CA LYS B 26 5.32 4.30 -1.58
C LYS B 26 6.76 3.77 -1.47
N ILE B 27 7.07 2.75 -2.27
CA ILE B 27 8.42 2.14 -2.34
C ILE B 27 9.00 2.44 -3.69
N THR B 28 10.19 3.04 -3.72
CA THR B 28 10.89 3.38 -4.97
C THR B 28 12.34 2.87 -4.85
N GLU B 29 13.10 2.95 -5.96
CA GLU B 29 14.38 2.21 -6.16
C GLU B 29 15.44 3.17 -6.71
N ARG B 30 16.61 3.18 -6.09
CA ARG B 30 17.83 3.78 -6.66
C ARG B 30 18.87 2.69 -6.94
N CYS B 31 19.50 2.79 -8.09
CA CYS B 31 20.45 1.79 -8.58
C CYS B 31 21.83 2.44 -8.76
N TRP B 32 22.87 1.64 -8.50
CA TRP B 32 24.28 1.97 -8.76
C TRP B 32 24.88 0.87 -9.62
N ASP B 33 25.59 1.30 -10.62
CA ASP B 33 26.27 0.36 -11.52
C ASP B 33 27.69 0.83 -11.72
N GLY B 34 28.26 1.50 -10.72
CA GLY B 34 29.69 1.84 -10.69
C GLY B 34 29.99 3.18 -11.34
N LYS B 35 29.02 3.87 -11.93
CA LYS B 35 29.21 5.20 -12.56
C LYS B 35 28.00 6.09 -12.33
N GLY B 36 27.42 6.16 -11.13
CA GLY B 36 26.29 7.07 -10.91
C GLY B 36 25.04 6.36 -10.43
N TRP B 37 24.37 6.97 -9.44
CA TRP B 37 23.05 6.56 -8.93
C TRP B 37 21.99 6.97 -9.96
N TYR B 38 21.03 6.10 -10.26
CA TYR B 38 19.88 6.48 -11.13
C TYR B 38 18.61 5.85 -10.56
N THR B 39 17.43 6.28 -10.99
CA THR B 39 16.11 5.82 -10.51
C THR B 39 15.73 4.54 -11.28
N GLY B 40 15.50 3.43 -10.56
CA GLY B 40 15.07 2.18 -11.22
C GLY B 40 13.56 2.20 -11.48
N ALA B 41 13.10 1.22 -12.25
CA ALA B 41 11.69 1.01 -12.65
C ALA B 41 10.82 0.68 -11.42
N PHE B 42 11.36 0.14 -10.34
CA PHE B 42 10.49 -0.38 -9.26
C PHE B 42 9.64 0.78 -8.68
N ASN B 43 8.31 0.65 -8.76
CA ASN B 43 7.35 1.61 -8.17
C ASN B 43 6.12 0.84 -7.65
N GLU B 44 6.01 0.67 -6.34
CA GLU B 44 4.90 -0.11 -5.77
C GLU B 44 4.60 0.45 -4.40
N PRO B 45 3.35 0.28 -3.97
CA PRO B 45 2.98 0.64 -2.61
C PRO B 45 3.55 -0.33 -1.55
N GLY B 46 3.65 0.18 -0.34
CA GLY B 46 4.10 -0.61 0.80
C GLY B 46 4.42 0.34 1.93
N ASP B 47 4.27 -0.15 3.12
CA ASP B 47 4.55 0.63 4.34
C ASP B 47 5.95 0.27 4.87
N ASN B 48 6.58 -0.77 4.30
CA ASN B 48 7.79 -1.44 4.85
C ASN B 48 8.36 -2.28 3.71
N VAL B 49 9.68 -2.47 3.66
CA VAL B 49 10.30 -3.19 2.51
C VAL B 49 11.50 -4.01 2.97
N SER B 50 11.65 -5.21 2.43
CA SER B 50 12.88 -6.03 2.50
C SER B 50 13.18 -6.53 1.10
N VAL B 51 14.43 -6.91 0.87
CA VAL B 51 14.85 -7.37 -0.48
C VAL B 51 15.89 -8.45 -0.21
N THR B 52 16.05 -9.32 -1.18
CA THR B 52 17.16 -10.27 -1.30
C THR B 52 17.35 -10.45 -2.81
N SER B 53 18.54 -10.88 -3.23
CA SER B 53 18.92 -11.13 -4.63
C SER B 53 19.89 -12.29 -4.65
N TRP B 54 19.95 -12.96 -5.78
CA TRP B 54 20.86 -14.11 -5.98
C TRP B 54 21.18 -14.08 -7.47
N LEU B 55 22.35 -14.57 -7.80
CA LEU B 55 22.84 -14.66 -9.17
C LEU B 55 22.60 -16.09 -9.63
N VAL B 56 22.31 -16.25 -10.89
CA VAL B 56 22.39 -17.57 -11.55
C VAL B 56 23.45 -17.36 -12.62
N GLY B 57 24.69 -17.70 -12.30
CA GLY B 57 25.82 -17.28 -13.15
C GLY B 57 25.87 -15.78 -13.24
N SER B 58 25.69 -15.22 -14.43
CA SER B 58 25.74 -13.74 -14.56
C SER B 58 24.35 -13.10 -14.46
N ALA B 59 23.24 -13.85 -14.32
CA ALA B 59 21.87 -13.26 -14.38
C ALA B 59 21.42 -12.88 -12.94
N ILE B 60 21.00 -11.65 -12.71
CA ILE B 60 20.56 -11.26 -11.33
C ILE B 60 19.05 -11.52 -11.22
N HIS B 61 18.56 -11.88 -10.05
CA HIS B 61 17.13 -12.14 -9.77
C HIS B 61 16.83 -11.45 -8.43
N ILE B 62 15.85 -10.55 -8.36
CA ILE B 62 15.57 -9.73 -7.15
C ILE B 62 14.17 -10.05 -6.68
N ARG B 63 13.98 -10.07 -5.37
CA ARG B 63 12.67 -10.29 -4.74
C ARG B 63 12.55 -9.17 -3.75
N VAL B 64 11.53 -8.36 -3.91
CA VAL B 64 11.18 -7.30 -2.95
C VAL B 64 9.89 -7.74 -2.24
N TYR B 65 9.83 -7.53 -0.94
CA TYR B 65 8.70 -7.87 -0.06
C TYR B 65 8.19 -6.56 0.52
N ALA B 66 7.00 -6.19 0.05
CA ALA B 66 6.29 -4.95 0.40
C ALA B 66 5.15 -5.29 1.36
N SER B 67 5.09 -4.60 2.48
CA SER B 67 4.05 -4.77 3.51
C SER B 67 2.77 -4.03 3.06
N THR B 68 1.66 -4.73 2.79
CA THR B 68 0.44 -4.28 2.06
C THR B 68 -0.79 -4.67 2.89
N GLY B 69 -0.77 -4.35 4.20
CA GLY B 69 -1.92 -4.48 5.11
C GLY B 69 -2.18 -5.93 5.51
N THR B 70 -3.13 -6.57 4.86
CA THR B 70 -3.58 -7.95 5.14
C THR B 70 -2.58 -8.98 4.62
N THR B 71 -1.70 -8.56 3.71
CA THR B 71 -0.65 -9.44 3.18
C THR B 71 0.64 -8.67 2.93
N THR B 72 1.70 -9.41 2.73
CA THR B 72 3.00 -8.92 2.19
C THR B 72 2.97 -9.22 0.71
N THR B 73 3.24 -8.26 -0.15
CA THR B 73 3.24 -8.50 -1.61
C THR B 73 4.72 -8.70 -2.03
N GLU B 74 5.03 -9.76 -2.77
CA GLU B 74 6.37 -10.05 -3.32
C GLU B 74 6.40 -9.63 -4.80
N TRP B 75 7.40 -8.81 -5.16
CA TRP B 75 7.73 -8.33 -6.53
C TRP B 75 9.02 -8.98 -7.01
N CYS B 76 8.98 -9.48 -8.23
CA CYS B 76 10.04 -10.31 -8.81
C CYS B 76 10.65 -9.57 -9.98
N TRP B 77 11.98 -9.43 -10.02
CA TRP B 77 12.74 -8.95 -11.19
C TRP B 77 13.55 -10.14 -11.70
N ASP B 78 13.33 -10.57 -12.94
CA ASP B 78 14.16 -11.67 -13.51
C ASP B 78 14.71 -11.16 -14.84
N GLY B 79 14.87 -9.84 -14.93
CA GLY B 79 15.31 -9.16 -16.18
C GLY B 79 14.16 -8.64 -17.04
N ASN B 80 12.88 -8.94 -16.76
CA ASN B 80 11.77 -8.74 -17.74
C ASN B 80 10.73 -7.72 -17.27
N GLY B 81 11.05 -6.90 -16.27
CA GLY B 81 10.05 -6.03 -15.63
C GLY B 81 9.53 -6.64 -14.35
N TRP B 82 9.07 -5.79 -13.45
CA TRP B 82 8.61 -6.22 -12.12
C TRP B 82 7.28 -6.96 -12.23
N THR B 83 7.18 -8.18 -11.67
CA THR B 83 5.99 -9.06 -11.74
C THR B 83 5.65 -9.50 -10.30
N LYS B 84 4.37 -9.67 -9.99
CA LYS B 84 3.92 -10.10 -8.65
C LYS B 84 4.31 -11.56 -8.51
N GLY B 85 4.87 -11.91 -7.35
CA GLY B 85 5.32 -13.26 -7.05
C GLY B 85 4.22 -14.05 -6.41
N ALA B 86 4.45 -15.34 -6.24
CA ALA B 86 3.50 -16.29 -5.67
C ALA B 86 3.54 -16.21 -4.14
N TYR B 87 4.51 -15.51 -3.53
CA TYR B 87 4.59 -15.49 -2.05
C TYR B 87 3.20 -15.21 -1.48
N THR B 88 2.76 -15.94 -0.46
CA THR B 88 1.57 -15.55 0.34
C THR B 88 1.89 -15.59 1.81
N SER B 89 1.15 -14.76 2.54
CA SER B 89 0.99 -14.79 4.01
C SER B 89 -0.27 -14.00 4.40
N SER B 90 -0.65 -14.12 5.65
CA SER B 90 -1.67 -13.26 6.28
C SER B 90 -0.97 -12.53 7.43
N THR B 91 -1.11 -11.22 7.42
CA THR B 91 -0.26 -10.26 8.15
C THR B 91 -1.23 -9.24 8.75
N VAL B 92 -0.73 -8.41 9.64
CA VAL B 92 -1.52 -7.31 10.22
C VAL B 92 -0.88 -6.03 9.70
N PRO B 93 -1.63 -4.94 9.46
CA PRO B 93 -1.03 -3.68 9.04
C PRO B 93 0.22 -3.36 9.86
N ASP B 95 3.93 -7.31 8.88
CA ASP B 95 4.08 -5.85 9.03
C ASP B 95 5.54 -5.39 8.85
N GLN B 96 6.54 -5.86 9.62
CA GLN B 96 7.99 -5.66 9.27
C GLN B 96 8.62 -7.01 8.82
N THR B 97 9.27 -7.07 7.67
CA THR B 97 9.89 -8.31 7.15
C THR B 97 11.41 -8.19 6.99
N ALA B 98 12.08 -9.33 6.97
CA ALA B 98 13.50 -9.48 6.55
C ALA B 98 13.60 -10.72 5.68
N ALA B 99 14.45 -10.70 4.66
CA ALA B 99 14.56 -11.79 3.67
C ALA B 99 16.01 -12.13 3.48
N THR B 100 16.32 -13.42 3.38
CA THR B 100 17.61 -13.96 2.91
C THR B 100 17.37 -14.97 1.79
N SER B 101 18.39 -15.24 0.99
CA SER B 101 18.30 -16.23 -0.12
C SER B 101 19.67 -16.85 -0.32
N TRP B 102 19.73 -18.07 -0.85
CA TRP B 102 21.00 -18.80 -1.09
C TRP B 102 20.88 -19.77 -2.28
N GLY B 103 22.05 -20.06 -2.84
CA GLY B 103 22.20 -20.94 -4.01
C GLY B 103 21.56 -20.32 -5.20
N THR B 104 21.35 -21.13 -6.21
CA THR B 104 20.87 -20.66 -7.53
C THR B 104 19.43 -21.16 -7.73
N VAL B 105 18.89 -22.02 -6.86
CA VAL B 105 17.52 -22.55 -7.05
C VAL B 105 16.54 -21.37 -7.14
N PRO B 106 16.49 -20.38 -6.21
CA PRO B 106 17.19 -20.38 -4.94
C PRO B 106 16.34 -21.00 -3.84
N SER B 107 16.91 -21.09 -2.66
CA SER B 107 16.12 -21.14 -1.41
C SER B 107 15.99 -19.69 -0.94
N ILE B 108 14.80 -19.33 -0.42
CA ILE B 108 14.46 -18.06 0.29
C ILE B 108 13.85 -18.38 1.66
N ALA B 109 14.09 -17.49 2.63
CA ALA B 109 13.47 -17.44 3.97
C ALA B 109 13.07 -15.99 4.19
N VAL B 110 11.76 -15.76 4.40
CA VAL B 110 11.18 -14.47 4.77
C VAL B 110 10.61 -14.56 6.21
N TYR B 111 11.08 -13.66 7.06
CA TYR B 111 10.77 -13.50 8.52
C TYR B 111 9.90 -12.25 8.68
N THR B 112 8.72 -12.40 9.31
CA THR B 112 7.75 -11.27 9.45
C THR B 112 7.48 -11.07 10.94
N ALA B 113 7.67 -9.84 11.44
CA ALA B 113 7.24 -9.45 12.80
C ALA B 113 5.86 -8.82 12.73
N ASN B 114 4.84 -9.36 13.41
CA ASN B 114 3.68 -8.49 13.75
C ASN B 114 3.06 -8.88 15.09
N ASN B 115 2.49 -7.85 15.71
CA ASN B 115 2.10 -7.78 17.15
C ASN B 115 3.10 -8.66 17.93
N GLY B 116 4.41 -8.46 17.71
CA GLY B 116 5.48 -8.86 18.64
C GLY B 116 5.84 -10.34 18.56
N LYS B 117 5.39 -11.04 17.52
CA LYS B 117 5.83 -12.41 17.20
C LYS B 117 6.45 -12.45 15.79
N ILE B 118 7.58 -13.15 15.65
CA ILE B 118 8.25 -13.35 14.33
C ILE B 118 7.96 -14.76 13.85
N THR B 119 7.48 -14.85 12.61
CA THR B 119 7.22 -16.12 11.89
C THR B 119 7.99 -16.12 10.58
N GLU B 120 8.03 -17.27 9.92
CA GLU B 120 8.94 -17.58 8.81
C GLU B 120 8.16 -18.29 7.69
N ARG B 121 8.41 -17.89 6.46
CA ARG B 121 7.88 -18.55 5.24
C ARG B 121 9.06 -18.86 4.34
N CYS B 122 9.09 -20.06 3.75
CA CYS B 122 10.29 -20.65 3.12
C CYS B 122 9.95 -21.07 1.68
N TRP B 123 10.90 -20.86 0.80
CA TRP B 123 10.81 -21.29 -0.62
C TRP B 123 12.01 -22.20 -0.91
N ASP B 124 11.72 -23.41 -1.37
CA ASP B 124 12.63 -24.53 -1.68
C ASP B 124 12.76 -24.78 -3.19
N GLY B 125 12.09 -23.98 -4.03
CA GLY B 125 12.03 -24.20 -5.49
C GLY B 125 10.69 -24.75 -5.96
N LYS B 126 9.79 -25.09 -5.03
CA LYS B 126 8.54 -25.79 -5.38
C LYS B 126 7.45 -25.37 -4.39
N GLY B 127 7.28 -24.09 -4.18
CA GLY B 127 6.14 -23.57 -3.40
C GLY B 127 6.57 -23.05 -2.03
N TRP B 128 5.80 -22.09 -1.53
CA TRP B 128 6.00 -21.48 -0.22
C TRP B 128 5.53 -22.47 0.82
N TYR B 129 6.22 -22.59 1.94
CA TYR B 129 5.72 -23.31 3.11
C TYR B 129 6.04 -22.43 4.32
N THR B 130 5.46 -22.79 5.44
CA THR B 130 5.68 -22.18 6.77
C THR B 130 6.90 -22.83 7.39
N GLY B 131 7.92 -22.05 7.74
CA GLY B 131 9.09 -22.62 8.40
C GLY B 131 8.82 -22.79 9.87
N ALA B 132 9.79 -23.33 10.58
CA ALA B 132 9.66 -23.72 11.98
C ALA B 132 9.86 -22.48 12.83
N PHE B 133 10.54 -21.45 12.30
CA PHE B 133 10.90 -20.30 13.14
C PHE B 133 9.62 -19.63 13.66
N ASN B 134 9.55 -19.40 14.97
CA ASN B 134 8.46 -18.72 15.70
C ASN B 134 9.02 -18.21 17.04
N GLU B 135 9.40 -16.94 17.16
CA GLU B 135 9.99 -16.39 18.40
C GLU B 135 9.45 -14.99 18.61
N PRO B 136 9.52 -14.50 19.86
CA PRO B 136 9.18 -13.13 20.19
C PRO B 136 10.07 -12.15 19.42
N GLY B 137 9.44 -11.06 18.98
CA GLY B 137 10.13 -9.90 18.39
C GLY B 137 9.17 -8.93 17.76
N ASP B 138 9.52 -7.65 17.86
CA ASP B 138 8.86 -6.49 17.21
C ASP B 138 9.65 -6.12 15.94
N ASN B 139 10.95 -6.47 15.91
CA ASN B 139 11.88 -6.10 14.82
C ASN B 139 12.73 -7.33 14.46
N VAL B 140 12.95 -7.54 13.17
CA VAL B 140 13.77 -8.69 12.72
C VAL B 140 14.74 -8.21 11.64
N SER B 141 15.97 -8.65 11.73
CA SER B 141 16.87 -8.74 10.55
C SER B 141 17.44 -10.17 10.42
N VAL B 142 17.92 -10.50 9.23
CA VAL B 142 18.49 -11.83 8.97
C VAL B 142 19.69 -11.68 8.02
N THR B 143 20.64 -12.61 8.08
CA THR B 143 21.68 -12.84 7.07
C THR B 143 21.96 -14.35 7.13
N SER B 144 22.57 -14.88 6.09
CA SER B 144 22.81 -16.30 5.93
C SER B 144 24.06 -16.49 5.05
N TRP B 145 24.71 -17.63 5.20
CA TRP B 145 25.94 -18.06 4.49
C TRP B 145 25.95 -19.60 4.31
N LEU B 146 26.44 -20.01 3.15
CA LEU B 146 26.67 -21.38 2.73
C LEU B 146 28.08 -21.85 3.18
N VAL B 147 28.20 -23.06 3.72
CA VAL B 147 29.50 -23.78 3.87
C VAL B 147 29.36 -25.05 3.03
N GLY B 148 30.00 -25.11 1.87
CA GLY B 148 29.65 -26.08 0.83
C GLY B 148 28.18 -25.91 0.51
N SER B 149 27.34 -26.87 0.90
CA SER B 149 25.89 -26.77 0.62
C SER B 149 25.08 -26.77 1.91
N ALA B 150 25.72 -26.56 3.07
CA ALA B 150 25.03 -26.37 4.38
C ALA B 150 24.75 -24.87 4.59
N ILE B 151 23.48 -24.48 4.55
CA ILE B 151 23.06 -23.11 4.89
C ILE B 151 23.18 -22.92 6.40
N HIS B 152 23.64 -21.74 6.79
CA HIS B 152 23.56 -21.20 8.17
C HIS B 152 22.78 -19.90 8.13
N ILE B 153 21.83 -19.70 9.05
CA ILE B 153 20.98 -18.48 9.09
C ILE B 153 21.18 -17.89 10.48
N ALA B 154 21.31 -16.58 10.54
CA ALA B 154 21.35 -15.81 11.80
C ALA B 154 20.23 -14.79 11.70
N VAL B 155 19.24 -14.90 12.56
CA VAL B 155 18.10 -14.00 12.70
C VAL B 155 18.30 -13.17 13.97
N TYR B 156 18.16 -11.86 13.87
CA TYR B 156 18.28 -10.93 15.00
C TYR B 156 16.88 -10.43 15.31
N ALA B 157 16.39 -10.88 16.46
CA ALA B 157 15.00 -10.67 16.91
C ALA B 157 15.06 -9.75 18.12
N SER B 158 14.47 -8.57 17.98
CA SER B 158 14.45 -7.53 19.03
C SER B 158 13.03 -7.33 19.56
N THR B 159 12.89 -7.44 20.86
CA THR B 159 11.75 -6.94 21.68
C THR B 159 12.23 -5.67 22.39
N GLY B 160 11.48 -5.19 23.37
CA GLY B 160 11.84 -3.99 24.15
C GLY B 160 13.17 -4.17 24.83
N THR B 161 13.47 -5.32 25.44
CA THR B 161 14.64 -5.40 26.36
C THR B 161 15.63 -6.51 26.02
N THR B 162 15.45 -7.23 24.89
CA THR B 162 16.35 -8.32 24.43
C THR B 162 16.43 -8.28 22.92
N THR B 163 17.63 -8.37 22.38
CA THR B 163 17.91 -8.80 20.98
C THR B 163 18.53 -10.18 21.10
N THR B 164 17.85 -11.19 20.56
CA THR B 164 18.31 -12.59 20.54
C THR B 164 18.73 -12.91 19.11
N GLU B 165 19.95 -13.41 18.95
CA GLU B 165 20.41 -14.09 17.72
C GLU B 165 19.91 -15.52 17.78
N TRP B 166 19.18 -15.93 16.74
CA TRP B 166 18.69 -17.32 16.56
C TRP B 166 19.45 -17.88 15.34
N CYS B 167 20.08 -19.03 15.55
CA CYS B 167 21.04 -19.67 14.62
C CYS B 167 20.46 -20.98 14.12
N TRP B 168 20.37 -21.08 12.81
CA TRP B 168 19.94 -22.32 12.14
C TRP B 168 21.17 -22.88 11.45
N ASP B 169 21.54 -24.10 11.83
CA ASP B 169 22.69 -24.84 11.26
C ASP B 169 22.17 -26.03 10.45
N GLY B 170 20.89 -26.09 10.11
CA GLY B 170 20.37 -27.18 9.25
C GLY B 170 19.67 -28.29 10.03
N ASN B 171 19.59 -28.22 11.36
CA ASN B 171 18.64 -29.05 12.13
C ASN B 171 18.52 -28.45 13.53
N GLY B 172 17.78 -27.36 13.65
CA GLY B 172 17.46 -26.74 14.95
C GLY B 172 17.87 -25.30 14.99
N TRP B 173 17.00 -24.50 15.58
CA TRP B 173 17.20 -23.09 15.98
C TRP B 173 17.71 -23.06 17.40
N THR B 174 18.88 -22.47 17.65
CA THR B 174 19.37 -22.20 19.01
C THR B 174 19.78 -20.73 19.11
N LYS B 175 19.86 -20.24 20.34
CA LYS B 175 20.33 -18.87 20.67
C LYS B 175 21.85 -18.77 20.43
N GLY B 176 22.27 -17.70 19.77
CA GLY B 176 23.69 -17.46 19.48
C GLY B 176 24.29 -16.60 20.55
N ALA B 177 25.60 -16.45 20.53
CA ALA B 177 26.38 -15.67 21.51
C ALA B 177 26.11 -14.15 21.38
N TYR B 178 25.50 -13.68 20.30
CA TYR B 178 25.21 -12.24 20.15
C TYR B 178 24.23 -11.77 21.24
N THR B 179 23.34 -12.71 21.59
CA THR B 179 22.14 -12.50 22.40
C THR B 179 22.45 -11.60 23.59
N SER B 180 21.63 -10.57 23.82
CA SER B 180 21.93 -9.50 24.81
C SER B 180 20.67 -8.76 25.25
N SER B 181 20.76 -8.26 26.49
CA SER B 181 20.02 -7.09 27.02
C SER B 181 20.12 -5.95 25.99
N THR B 182 19.02 -5.26 25.72
CA THR B 182 19.02 -3.96 25.03
C THR B 182 18.14 -3.01 25.83
N VAL B 183 18.08 -1.81 25.29
CA VAL B 183 17.15 -0.74 25.68
C VAL B 183 16.10 -0.74 24.58
N PRO B 184 14.86 -0.33 24.92
CA PRO B 184 13.78 -0.37 23.94
C PRO B 184 14.07 0.49 22.70
N GLY B 185 13.45 0.13 21.58
CA GLY B 185 13.43 0.96 20.36
C GLY B 185 14.43 0.50 19.30
N ASP B 186 14.94 -0.75 19.33
CA ASP B 186 15.96 -1.24 18.34
C ASP B 186 15.31 -1.54 16.99
N GLN B 187 15.99 -1.15 15.92
CA GLN B 187 15.76 -1.63 14.54
C GLN B 187 17.13 -2.07 14.00
N THR B 188 17.27 -3.31 13.52
CA THR B 188 18.57 -3.89 13.12
C THR B 188 18.60 -4.16 11.61
N ALA B 189 19.83 -4.26 11.09
CA ALA B 189 20.16 -4.76 9.73
C ALA B 189 21.44 -5.58 9.89
N ALA B 190 21.60 -6.65 9.13
CA ALA B 190 22.71 -7.60 9.29
C ALA B 190 23.29 -7.92 7.91
N THR B 191 24.60 -8.15 7.82
CA THR B 191 25.25 -8.65 6.59
C THR B 191 26.33 -9.61 7.09
N SER B 192 26.81 -10.48 6.20
CA SER B 192 27.81 -11.47 6.46
C SER B 192 28.59 -11.73 5.18
N TRP B 193 29.80 -12.29 5.35
CA TRP B 193 30.66 -12.67 4.21
C TRP B 193 31.60 -13.78 4.67
N GLY B 194 32.10 -14.54 3.71
CA GLY B 194 32.96 -15.72 3.88
C GLY B 194 32.26 -16.91 4.48
N THR B 195 33.04 -17.87 4.96
CA THR B 195 32.53 -19.14 5.57
C THR B 195 32.82 -19.18 7.08
N VAL B 196 33.62 -18.29 7.64
CA VAL B 196 33.83 -18.29 9.12
C VAL B 196 32.50 -18.19 9.87
N PRO B 197 31.55 -17.25 9.56
CA PRO B 197 31.75 -16.17 8.62
C PRO B 197 32.13 -14.94 9.42
N SER B 198 32.20 -13.81 8.75
CA SER B 198 32.17 -12.48 9.39
C SER B 198 30.72 -11.98 9.33
N ILE B 199 30.31 -11.32 10.41
CA ILE B 199 28.94 -10.72 10.57
C ILE B 199 29.09 -9.30 11.07
N ARG B 200 28.23 -8.44 10.53
CA ARG B 200 28.05 -7.07 11.08
C ARG B 200 26.55 -6.86 11.33
N VAL B 201 26.21 -6.43 12.55
CA VAL B 201 24.82 -6.08 12.91
C VAL B 201 24.77 -4.60 13.24
N TYR B 202 23.97 -3.84 12.50
CA TYR B 202 23.72 -2.39 12.75
C TYR B 202 22.42 -2.25 13.53
N THR B 203 22.47 -1.60 14.68
CA THR B 203 21.27 -1.23 15.51
C THR B 203 21.05 0.30 15.49
N ALA B 204 19.93 0.74 14.92
CA ALA B 204 19.33 2.08 15.08
C ALA B 204 18.47 2.10 16.35
N ASN B 205 18.76 3.05 17.20
CA ASN B 205 18.09 3.23 18.52
C ASN B 205 18.31 4.69 18.93
N ASN B 206 17.20 5.39 19.14
CA ASN B 206 17.11 6.79 19.60
C ASN B 206 18.00 7.66 18.68
N GLY B 207 17.93 7.47 17.36
CA GLY B 207 18.56 8.40 16.40
C GLY B 207 20.06 8.19 16.24
N LYS B 208 20.60 7.09 16.78
CA LYS B 208 22.02 6.68 16.59
C LYS B 208 22.07 5.23 16.07
N ILE B 209 22.95 5.00 15.10
CA ILE B 209 23.26 3.64 14.56
C ILE B 209 24.66 3.25 15.02
N THR B 210 24.76 2.07 15.57
CA THR B 210 26.02 1.51 16.09
C THR B 210 26.11 0.08 15.60
N GLU B 211 27.27 -0.56 15.79
CA GLU B 211 27.67 -1.78 15.06
C GLU B 211 28.25 -2.80 16.07
N ARG B 212 27.86 -4.06 15.90
CA ARG B 212 28.48 -5.22 16.56
C ARG B 212 29.01 -6.14 15.46
N CYS B 213 30.13 -6.78 15.78
CA CYS B 213 31.04 -7.43 14.84
C CYS B 213 31.36 -8.85 15.34
N TRP B 214 31.34 -9.79 14.41
CA TRP B 214 31.84 -11.17 14.64
C TRP B 214 32.80 -11.51 13.53
N ASP B 215 33.99 -12.02 13.88
CA ASP B 215 34.89 -12.59 12.84
C ASP B 215 35.37 -13.96 13.32
N GLY B 216 34.55 -14.66 14.12
CA GLY B 216 34.85 -16.03 14.56
C GLY B 216 35.40 -16.07 15.98
N LYS B 217 35.62 -14.93 16.64
CA LYS B 217 36.45 -14.90 17.88
C LYS B 217 35.80 -14.08 18.98
N GLY B 218 34.46 -14.00 18.97
CA GLY B 218 33.65 -13.27 19.94
C GLY B 218 33.13 -11.98 19.33
N TRP B 219 32.04 -11.49 19.88
CA TRP B 219 31.36 -10.27 19.42
C TRP B 219 32.08 -9.03 19.94
N TYR B 220 32.27 -8.02 19.10
CA TYR B 220 32.95 -6.79 19.53
C TYR B 220 32.18 -5.63 18.93
N THR B 221 32.43 -4.46 19.48
CA THR B 221 31.86 -3.15 19.10
C THR B 221 32.72 -2.61 17.97
N GLY B 222 32.13 -2.30 16.83
CA GLY B 222 32.84 -1.81 15.64
C GLY B 222 32.87 -0.31 15.67
N ALA B 223 33.60 0.28 14.75
CA ALA B 223 33.89 1.73 14.68
C ALA B 223 32.65 2.49 14.20
N PHE B 224 31.69 1.82 13.57
CA PHE B 224 30.55 2.51 12.93
C PHE B 224 29.73 3.21 14.00
N ASN B 225 29.54 4.50 13.84
CA ASN B 225 28.74 5.39 14.69
C ASN B 225 28.22 6.57 13.88
N GLU B 226 26.93 6.62 13.57
CA GLU B 226 26.40 7.63 12.60
C GLU B 226 24.96 7.88 12.94
N PRO B 227 24.45 9.12 12.80
CA PRO B 227 23.05 9.39 13.11
C PRO B 227 22.10 8.64 12.18
N GLY B 228 20.97 8.22 12.73
CA GLY B 228 19.87 7.66 11.92
C GLY B 228 18.82 7.05 12.78
N ASP B 229 17.59 7.02 12.27
CA ASP B 229 16.42 6.32 12.86
C ASP B 229 16.14 5.02 12.12
N ASN B 230 16.63 4.88 10.90
CA ASN B 230 16.49 3.61 10.13
C ASN B 230 17.83 3.25 9.47
N VAL B 231 18.16 1.95 9.46
CA VAL B 231 19.40 1.43 8.86
C VAL B 231 19.10 0.25 7.95
N SER B 232 19.74 0.22 6.78
CA SER B 232 19.92 -1.03 6.01
C SER B 232 21.38 -1.16 5.60
N VAL B 233 21.79 -2.35 5.12
CA VAL B 233 23.24 -2.66 4.88
C VAL B 233 23.34 -3.71 3.78
N THR B 234 24.36 -3.58 2.95
CA THR B 234 24.72 -4.64 1.99
C THR B 234 26.24 -4.64 2.01
N SER B 235 26.85 -5.73 1.64
CA SER B 235 28.32 -5.88 1.58
C SER B 235 28.65 -6.76 0.38
N TRP B 236 29.88 -6.69 -0.11
CA TRP B 236 30.40 -7.55 -1.21
C TRP B 236 31.92 -7.69 -1.04
N LEU B 237 32.43 -8.88 -1.36
CA LEU B 237 33.87 -9.25 -1.36
C LEU B 237 34.42 -9.01 -2.76
N VAL B 238 35.59 -8.41 -2.85
CA VAL B 238 36.53 -8.58 -3.99
C VAL B 238 37.79 -9.24 -3.42
N GLY B 239 38.00 -10.52 -3.71
CA GLY B 239 39.12 -11.30 -3.18
C GLY B 239 38.96 -11.36 -1.70
N SER B 240 39.93 -10.86 -0.93
CA SER B 240 39.92 -10.84 0.55
C SER B 240 39.28 -9.55 1.08
N ALA B 241 38.99 -8.57 0.23
CA ALA B 241 38.60 -7.23 0.69
C ALA B 241 37.07 -7.17 0.84
N ILE B 242 36.60 -6.83 2.05
CA ILE B 242 35.14 -6.60 2.25
C ILE B 242 34.86 -5.15 1.93
N HIS B 243 33.72 -4.92 1.28
CA HIS B 243 33.11 -3.59 1.05
C HIS B 243 31.71 -3.62 1.69
N ILE B 244 31.36 -2.58 2.46
CA ILE B 244 30.04 -2.46 3.11
C ILE B 244 29.47 -1.12 2.66
N ALA B 245 28.15 -1.06 2.47
CA ALA B 245 27.34 0.16 2.24
C ALA B 245 26.17 0.11 3.22
N VAL B 246 26.17 1.01 4.19
CA VAL B 246 25.10 1.21 5.20
C VAL B 246 24.28 2.42 4.74
N TYR B 247 22.96 2.29 4.72
CA TYR B 247 22.01 3.37 4.36
C TYR B 247 21.32 3.79 5.67
N ALA B 248 21.64 4.98 6.14
CA ALA B 248 21.11 5.56 7.38
C ALA B 248 20.07 6.65 7.05
N SER B 249 18.85 6.53 7.56
CA SER B 249 17.78 7.48 7.24
C SER B 249 17.31 8.21 8.52
N THR B 250 17.11 9.51 8.39
CA THR B 250 16.43 10.43 9.36
C THR B 250 15.45 11.28 8.58
N GLY B 251 14.17 11.28 8.96
CA GLY B 251 13.13 11.95 8.14
C GLY B 251 13.13 11.30 6.75
N THR B 252 13.15 12.09 5.67
CA THR B 252 13.32 11.62 4.26
C THR B 252 14.78 11.71 3.80
N THR B 253 15.77 11.91 4.68
CA THR B 253 17.19 11.96 4.22
C THR B 253 17.87 10.59 4.44
N THR B 254 18.41 9.97 3.41
CA THR B 254 19.22 8.73 3.55
C THR B 254 20.67 9.11 3.26
N THR B 255 21.60 8.80 4.14
CA THR B 255 23.05 8.93 3.87
C THR B 255 23.64 7.53 3.75
N GLU B 256 24.46 7.31 2.72
CA GLU B 256 25.24 6.11 2.50
C GLU B 256 26.59 6.33 3.20
N TRP B 257 26.96 5.36 4.02
CA TRP B 257 28.30 5.24 4.64
C TRP B 257 28.99 4.03 4.02
N CYS B 258 30.23 4.19 3.57
CA CYS B 258 31.01 3.14 2.91
C CYS B 258 32.25 2.79 3.70
N TRP B 259 32.42 1.48 3.88
CA TRP B 259 33.69 0.84 4.26
C TRP B 259 34.31 0.17 3.03
N ASP B 260 35.53 0.55 2.71
CA ASP B 260 36.32 0.00 1.58
C ASP B 260 37.67 -0.49 2.14
N GLY B 261 37.85 -0.53 3.45
CA GLY B 261 39.08 -1.08 4.06
C GLY B 261 39.89 0.02 4.68
N ASN B 262 39.40 1.27 4.62
CA ASN B 262 40.16 2.42 5.13
C ASN B 262 39.24 3.41 5.86
N GLY B 263 38.41 2.92 6.79
CA GLY B 263 37.51 3.78 7.58
C GLY B 263 36.19 4.06 6.87
N TRP B 264 35.25 4.59 7.62
CA TRP B 264 33.88 4.84 7.13
C TRP B 264 33.87 6.22 6.48
N THR B 265 33.50 6.31 5.20
CA THR B 265 33.43 7.60 4.44
C THR B 265 32.02 7.75 3.84
N LYS B 266 31.53 8.99 3.71
CA LYS B 266 30.21 9.31 3.12
C LYS B 266 30.22 8.83 1.66
N GLY B 267 29.29 7.99 1.25
CA GLY B 267 29.16 7.57 -0.16
C GLY B 267 28.39 8.60 -0.97
N ALA B 268 28.38 8.41 -2.28
CA ALA B 268 27.76 9.28 -3.28
C ALA B 268 26.24 9.13 -3.33
N TYR B 269 25.62 8.11 -2.73
CA TYR B 269 24.14 7.92 -2.79
C TYR B 269 23.38 9.26 -2.57
N THR B 270 22.38 9.50 -3.43
CA THR B 270 21.23 10.42 -3.20
C THR B 270 19.91 9.73 -3.56
N ALA B 271 18.84 10.17 -2.93
CA ALA B 271 17.46 9.78 -3.31
C ALA B 271 17.00 10.53 -4.58
N THR B 272 17.58 11.69 -4.85
CA THR B 272 17.26 12.58 -6.00
C THR B 272 15.75 12.65 -6.17
C1 GOL C . -6.66 -4.82 2.84
O1 GOL C . -5.29 -5.26 2.73
C2 GOL C . -7.54 -5.42 1.76
O2 GOL C . -7.08 -5.02 0.47
C3 GOL C . -9.01 -5.10 1.89
O3 GOL C . -9.27 -3.69 2.00
C1 GOL D . -20.82 20.31 5.12
O1 GOL D . -21.54 19.76 4.03
C2 GOL D . -20.75 21.83 5.03
O2 GOL D . -19.91 22.21 3.93
C3 GOL D . -22.12 22.46 4.96
O3 GOL D . -22.07 23.81 4.52
C1 GOL E . -32.99 15.68 -4.12
O1 GOL E . -32.58 14.55 -4.89
C2 GOL E . -33.94 16.58 -4.90
O2 GOL E . -33.25 17.27 -5.95
C3 GOL E . -35.10 15.80 -5.47
O3 GOL E . -35.54 16.40 -6.68
C1 GOL F . -20.71 -11.39 -6.63
O1 GOL F . -20.14 -11.88 -7.85
C2 GOL F . -21.47 -10.08 -6.79
O2 GOL F . -20.68 -8.98 -6.33
C3 GOL F . -21.91 -9.80 -8.19
O3 GOL F . -20.94 -10.22 -9.15
O7P R2F G . 0.12 10.77 15.72
C7P R2F G . 0.99 10.18 15.08
C1P R2F G . 2.45 10.43 15.51
C6P R2F G . 2.62 10.68 16.89
C5P R2F G . 3.87 10.95 17.45
C4P R2F G . 5.01 10.98 16.65
C3P R2F G . 4.88 10.75 15.28
C2P R2F G . 3.61 10.50 14.69
C2C R2F G . 3.59 10.22 13.20
C2A R2F G . 3.07 11.06 12.17
C3A R2F G . 2.51 12.32 12.47
C4A R2F G . 1.99 13.16 11.48
C5A R2F G . 2.01 12.78 10.12
N1A R2F G . 1.47 13.69 9.14
C21 R2F G . 1.38 15.15 9.36
C22 R2F G . 0.00 15.63 9.80
C11 R2F G . 0.98 13.20 7.86
C12 R2F G . 2.14 13.14 6.89
C6A R2F G . 2.59 11.51 9.81
C1A R2F G . 3.11 10.64 10.82
O1B R2F G . 3.68 9.40 10.51
C4B R2F G . 4.19 8.55 11.50
C3C R2F G . 4.75 7.29 11.22
C4C R2F G . 5.28 6.47 12.25
N1C R2F G . 5.84 5.19 12.07
C23 R2F G . 4.92 4.06 11.83
C24 R2F G . 3.45 4.46 11.69
C13 R2F G . 7.29 4.94 12.16
C14 R2F G . 7.96 5.35 13.46
C5C R2F G . 5.22 6.91 13.57
C6C R2F G . 4.66 8.13 13.86
C1C R2F G . 4.15 8.97 12.84
O1 R2F G . 0.48 9.29 14.00
C2 R2F G . -0.69 9.54 13.15
C3 R2F G . -2.00 9.00 13.74
O4 R2F G . -1.93 9.16 15.16
C5 R2F G . -2.88 10.00 15.83
C6 R2F G . -3.13 11.35 15.15
N3T R2F G . -4.45 11.38 14.50
N2T R2F G . -5.55 10.99 15.27
N1T R2F G . -6.75 11.06 14.57
C5T R2F G . -6.37 11.49 13.34
C4T R2F G . -4.95 11.69 13.29
C1 R2F G . -7.30 11.74 12.18
O1F R2F G . -8.68 11.31 12.28
C1F R2F G . -9.42 11.79 11.15
C2F R2F G . -8.63 11.84 9.82
O2F R2F G . -7.49 12.69 9.93
C3F R2F G . -8.29 10.42 9.25
O3F R2F G . -7.55 10.57 8.02
C4F R2F G . -9.62 9.68 9.06
O4F R2F G . -10.46 10.34 8.11
C5F R2F G . -10.33 9.67 10.40
O5F R2F G . -10.62 11.02 10.87
C6F R2F G . -11.60 8.87 10.35
O7P R2F H . -32.43 -11.00 -11.72
C7P R2F H . -33.03 -11.27 -12.79
C1P R2F H . -32.26 -11.39 -14.02
C6P R2F H . -30.89 -11.64 -13.91
C5P R2F H . -30.10 -11.75 -15.02
C4P R2F H . -30.67 -11.60 -16.26
C3P R2F H . -32.04 -11.36 -16.36
C2P R2F H . -32.84 -11.22 -15.25
C2C R2F H . -34.29 -10.98 -15.52
C2A R2F H . -34.86 -9.70 -15.63
C3A R2F H . -34.12 -8.56 -15.45
C4A R2F H . -34.72 -7.31 -15.55
C5A R2F H . -36.07 -7.14 -15.88
N1A R2F H . -36.63 -5.85 -15.91
C21 R2F H . -38.07 -5.68 -15.84
C22 R2F H . -38.57 -5.66 -17.22
C11 R2F H . -35.87 -4.62 -15.82
C12 R2F H . -35.31 -4.23 -17.16
C6A R2F H . -36.82 -8.31 -16.04
C1A R2F H . -36.23 -9.56 -15.93
O1B R2F H . -36.99 -10.68 -16.14
C4B R2F H . -36.47 -11.94 -16.04
C3C R2F H . -37.32 -13.05 -16.24
C4C R2F H . -36.80 -14.35 -16.17
N1C R2F H . -37.63 -15.50 -16.33
C23 R2F H . -37.69 -16.47 -15.21
C24 R2F H . -38.29 -15.84 -13.95
C13 R2F H . -38.48 -15.70 -17.49
C14 R2F H . -39.92 -15.65 -17.04
C5C R2F H . -35.44 -14.52 -15.86
C6C R2F H . -34.60 -13.42 -15.66
C1C R2F H . -35.11 -12.11 -15.74
O1 R2F H . -34.45 -11.42 -12.92
C2 R2F H . -35.26 -11.11 -11.81
C3 R2F H . -35.04 -9.68 -11.32
O4 R2F H . -35.21 -8.72 -12.37
C5 R2F H . -35.41 -7.40 -11.81
C6 R2F H . -36.85 -6.92 -11.94
N3T R2F H . -36.90 -5.46 -11.89
N2T R2F H . -35.96 -5.17 -10.93
N1T R2F H . -35.87 -3.82 -10.73
C5T R2F H . -36.77 -3.31 -11.58
C4T R2F H . -37.47 -4.32 -12.33
C1 R2F H . -36.77 -1.79 -11.46
O1F R2F H . -35.82 -1.16 -12.27
C1F R2F H . -34.45 -1.43 -12.06
C2F R2F H . -33.66 -0.64 -13.12
O2F R2F H . -34.03 -1.02 -14.47
C3F R2F H . -33.86 0.83 -12.83
O3F R2F H . -33.14 1.59 -13.80
C4F R2F H . -33.38 1.17 -11.41
O4F R2F H . -31.95 0.90 -11.27
C5F R2F H . -34.22 0.34 -10.46
O5F R2F H . -33.99 -1.01 -10.78
C6F R2F H . -33.91 0.49 -9.00
C1 GOL I . 14.75 -22.97 8.57
O1 GOL I . 14.35 -22.07 7.53
C2 GOL I . 13.58 -23.69 9.25
O2 GOL I . 12.89 -22.78 10.11
C3 GOL I . 12.56 -24.25 8.29
O3 GOL I . 11.51 -24.95 8.97
C1 GOL J . 26.99 -18.00 17.27
O1 GOL J . 26.85 -18.13 18.69
C2 GOL J . 26.84 -16.55 16.85
O2 GOL J . 27.32 -15.65 17.85
C3 GOL J . 27.47 -16.23 15.52
O3 GOL J . 26.48 -16.50 14.54
C1 GOL K . 28.57 3.26 -4.00
O1 GOL K . 28.25 2.54 -2.83
C2 GOL K . 28.77 4.68 -3.56
O2 GOL K . 27.65 5.48 -3.96
C3 GOL K . 30.12 5.24 -3.88
O3 GOL K . 30.28 6.53 -3.30
C1 GOL L . 15.96 -3.28 -11.60
O1 GOL L . 16.77 -3.12 -10.44
C2 GOL L . 15.42 -1.91 -11.97
O2 GOL L . 14.05 -1.77 -11.61
C3 GOL L . 15.62 -1.50 -13.40
O3 GOL L . 15.51 -0.09 -13.50
O7P R2F M . 4.60 -26.49 -8.41
C7P R2F M . 3.71 -25.73 -8.77
C1P R2F M . 2.97 -26.01 -10.07
C6P R2F M . 1.57 -26.11 -9.96
C5P R2F M . 0.78 -26.38 -11.07
C4P R2F M . 1.38 -26.55 -12.32
C3P R2F M . 2.78 -26.45 -12.42
C2P R2F M . 3.63 -26.19 -11.32
C2C R2F M . 5.16 -26.10 -11.55
C2A R2F M . 6.10 -27.06 -11.02
C3A R2F M . 5.73 -28.19 -10.24
C4A R2F M . 6.67 -29.10 -9.76
C5A R2F M . 8.04 -28.92 -10.04
N1A R2F M . 9.05 -29.82 -9.53
C21 R2F M . 10.13 -29.35 -8.66
C22 R2F M . 10.59 -27.91 -8.85
C11 R2F M . 8.95 -31.26 -9.88
C12 R2F M . 10.28 -32.00 -9.96
C6A R2F M . 8.41 -27.81 -10.80
C1A R2F M . 7.47 -26.91 -11.29
O1B R2F M . 7.96 -25.86 -12.05
C4B R2F M . 7.11 -24.93 -12.59
C3C R2F M . 7.66 -23.87 -13.36
C4C R2F M . 6.86 -22.87 -13.91
N1C R2F M . 7.41 -21.78 -14.65
C23 R2F M . 6.59 -20.66 -15.17
C24 R2F M . 6.89 -19.35 -14.47
C13 R2F M . 8.87 -21.67 -14.87
C14 R2F M . 9.65 -21.19 -13.66
C5C R2F M . 5.48 -22.96 -13.68
C6C R2F M . 4.93 -24.00 -12.92
C1C R2F M . 5.72 -25.02 -12.35
O1 R2F M . 3.35 -24.61 -7.91
C2 R2F M . 4.23 -24.23 -6.84
C3 R2F M . 5.54 -23.64 -7.40
O4 R2F M . 6.26 -24.58 -8.23
C5 R2F M . 7.46 -24.06 -8.81
C6 R2F M . 7.14 -23.25 -10.05
N3T R2F M . 7.84 -21.96 -10.08
N2T R2F M . 9.22 -22.06 -10.08
N1T R2F M . 9.81 -20.80 -10.13
C5T R2F M . 8.76 -19.94 -10.18
C4T R2F M . 7.52 -20.63 -10.16
C1 R2F M . 8.95 -18.46 -10.19
O1F R2F M . 8.52 -18.18 -8.86
C1F R2F M . 8.92 -16.89 -8.44
C2F R2F M . 8.01 -16.39 -7.34
O2F R2F M . 6.65 -16.34 -7.76
C3F R2F M . 8.18 -17.17 -6.06
O3F R2F M . 7.32 -16.46 -5.12
C4F R2F M . 9.70 -17.16 -5.71
O4F R2F M . 10.09 -15.78 -5.48
C5F R2F M . 10.52 -17.72 -6.85
O5F R2F M . 10.28 -16.93 -8.00
C6F R2F M . 12.01 -17.62 -6.57
O7P R2F N . 37.64 -10.51 18.12
C7P R2F N . 38.21 -9.90 19.03
C1P R2F N . 37.45 -9.48 20.23
C6P R2F N . 36.22 -10.13 20.46
C5P R2F N . 35.44 -9.82 21.56
C4P R2F N . 35.91 -8.84 22.47
C3P R2F N . 37.11 -8.21 22.25
C2P R2F N . 37.91 -8.51 21.16
C2C R2F N . 39.19 -7.72 20.96
C2A R2F N . 40.40 -8.05 21.63
C3A R2F N . 40.49 -9.13 22.52
C4A R2F N . 41.71 -9.36 23.14
C5A R2F N . 42.82 -8.52 22.88
N1A R2F N . 44.09 -8.71 23.40
C21 R2F N . 44.56 -7.95 24.56
C22 R2F N . 45.06 -8.92 25.62
C11 R2F N . 44.91 -9.69 22.66
C12 R2F N . 44.43 -9.96 21.22
C6A R2F N . 42.76 -7.50 21.97
C1A R2F N . 41.55 -7.27 21.36
O1B R2F N . 41.57 -6.23 20.50
C4B R2F N . 40.41 -5.90 19.83
C3C R2F N . 40.48 -4.82 18.95
C4C R2F N . 39.36 -4.41 18.25
N1C R2F N . 39.40 -3.37 17.33
C23 R2F N . 38.23 -3.04 16.51
C24 R2F N . 37.45 -1.94 17.12
C13 R2F N . 40.64 -2.63 17.05
C14 R2F N . 40.76 -1.58 18.11
C5C R2F N . 38.19 -5.16 18.43
C6C R2F N . 38.12 -6.23 19.32
C1C R2F N . 39.23 -6.63 20.05
O1 R2F N . 39.62 -9.65 18.91
C2 R2F N . 40.18 -10.09 17.64
C3 R2F N . 40.35 -8.86 16.73
O4 R2F N . 39.03 -8.47 16.31
C5 R2F N . 39.00 -7.20 15.62
C6 R2F N . 39.50 -7.39 14.17
N3T R2F N . 39.32 -6.19 13.40
N2T R2F N . 40.07 -5.10 13.76
N1T R2F N . 39.75 -4.02 12.96
C5T R2F N . 38.78 -4.39 12.15
C4T R2F N . 38.48 -5.74 12.43
C1 R2F N . 38.18 -3.46 11.13
O1F R2F N . 37.06 -2.72 11.64
C1F R2F N . 35.91 -3.57 11.88
C2F R2F N . 34.86 -2.59 12.34
O2F R2F N . 35.29 -1.79 13.46
C3F R2F N . 34.47 -1.63 11.20
O3F R2F N . 33.47 -0.70 11.69
C4F R2F N . 33.99 -2.43 10.00
O4F R2F N . 32.79 -3.22 10.39
C5F R2F N . 35.18 -3.30 9.61
O5F R2F N . 35.51 -4.25 10.65
C6F R2F N . 34.90 -4.16 8.40
#